data_8FWF
#
_entry.id   8FWF
#
_cell.length_a   120.755
_cell.length_b   120.755
_cell.length_c   86.940
_cell.angle_alpha   90.000
_cell.angle_beta   90.000
_cell.angle_gamma   90.000
#
_symmetry.space_group_name_H-M   'P 42 21 2'
#
loop_
_entity.id
_entity.type
_entity.pdbx_description
1 polymer 'Fab235, light chain'
2 polymer 'Fab235, heavy chain'
3 non-polymer 'CHLORIDE ION'
4 non-polymer DI(HYDROXYETHYL)ETHER
5 non-polymer GLYCEROL
6 non-polymer 'SULFATE ION'
7 non-polymer 1,2-ETHANEDIOL
8 non-polymer 'ACETATE ION'
9 water water
#
loop_
_entity_poly.entity_id
_entity_poly.type
_entity_poly.pdbx_seq_one_letter_code
_entity_poly.pdbx_strand_id
1 'polypeptide(L)'
;DIVMSQSPSSLAVSVGEKVTMSCKSSQSLLYSSNQKNYLAWYQQKPGQSPKLLIYWASTRDSGVPDRFTGSGSGTDFTLT
ISSVKAEDLAVYCCQQYYNYPFTFGAGTKLEIKRTVAAPSVFIFPPSDEQLKSGTASVVCLLNNFYPREAKVQWKVDNAL
QSGNSQESVTEQDSKDSTYSLSSTLTLSKADYEKHKVYACEVTHQGLSSPVTKSFNRGEC
;
L
2 'polypeptide(L)'
;QVQLQQSGTDLVRPGTSVKVSCKASGYAFTTYFIEWVKQRPGQGLEWIGVINPGSGIPNYNEMFKGKATLTADKSSSTAY
LHLSSLTSDDSAVYFCARAPYYYGSSYYYFDVWGAGTTVTVSSASTKGPSVFPLAPSSKSTSGGTAALGCLVKDYFPEPV
TVSWNSGALTSGVHTFPAVLQSSGLYSLSSVVTVPSSSLGTQTYICNVNHKPSNTKVDKKVEPKSCDK
;
H
#
loop_
_chem_comp.id
_chem_comp.type
_chem_comp.name
_chem_comp.formula
ACT non-polymer 'ACETATE ION' 'C2 H3 O2 -1'
CL non-polymer 'CHLORIDE ION' 'Cl -1'
EDO non-polymer 1,2-ETHANEDIOL 'C2 H6 O2'
GOL non-polymer GLYCEROL 'C3 H8 O3'
PEG non-polymer DI(HYDROXYETHYL)ETHER 'C4 H10 O3'
SO4 non-polymer 'SULFATE ION' 'O4 S -2'
#
# COMPACT_ATOMS: atom_id res chain seq x y z
N ASP A 1 11.12 -26.21 12.32
CA ASP A 1 10.55 -24.88 12.32
C ASP A 1 9.15 -24.91 12.99
N ILE A 2 8.78 -23.82 13.60
CA ILE A 2 7.44 -23.67 14.17
C ILE A 2 6.53 -23.04 13.13
N VAL A 3 5.34 -23.63 12.93
CA VAL A 3 4.31 -23.13 12.01
C VAL A 3 3.33 -22.28 12.80
N MET A 4 3.00 -21.09 12.32
CA MET A 4 2.09 -20.20 13.02
C MET A 4 0.83 -20.12 12.15
N SER A 5 -0.35 -20.28 12.76
CA SER A 5 -1.60 -20.37 11.99
C SER A 5 -2.57 -19.35 12.54
N GLN A 6 -3.21 -18.55 11.67
CA GLN A 6 -4.15 -17.53 12.12
C GLN A 6 -5.52 -17.74 11.50
N SER A 7 -6.56 -17.44 12.26
CA SER A 7 -7.90 -17.46 11.70
C SER A 7 -8.75 -16.39 12.38
N PRO A 8 -9.71 -15.81 11.65
CA PRO A 8 -9.97 -16.10 10.24
C PRO A 8 -8.96 -15.38 9.36
N SER A 9 -8.89 -15.66 8.05
CA SER A 9 -8.02 -14.88 7.21
C SER A 9 -8.55 -13.44 7.05
N SER A 10 -9.86 -13.24 7.10
CA SER A 10 -10.39 -11.88 7.15
C SER A 10 -11.71 -11.86 7.92
N LEU A 11 -12.07 -10.69 8.43
CA LEU A 11 -13.38 -10.50 9.05
C LEU A 11 -13.74 -9.01 8.99
N ALA A 12 -15.03 -8.74 9.01
CA ALA A 12 -15.55 -7.37 9.00
C ALA A 12 -16.45 -7.17 10.22
N VAL A 13 -16.24 -6.06 10.91
CA VAL A 13 -16.95 -5.74 12.15
C VAL A 13 -17.34 -4.26 12.14
N SER A 14 -18.54 -3.95 12.65
CA SER A 14 -18.96 -2.56 12.75
C SER A 14 -18.23 -1.83 13.87
N VAL A 15 -18.15 -0.50 13.72
CA VAL A 15 -17.49 0.32 14.73
C VAL A 15 -18.21 0.15 16.06
N GLY A 16 -17.43 -0.03 17.13
CA GLY A 16 -17.95 -0.21 18.46
C GLY A 16 -18.19 -1.64 18.88
N GLU A 17 -18.01 -2.59 17.98
CA GLU A 17 -18.27 -3.99 18.29
C GLU A 17 -16.97 -4.68 18.69
N LYS A 18 -17.12 -5.88 19.25
CA LYS A 18 -16.01 -6.67 19.75
C LYS A 18 -15.48 -7.55 18.62
N VAL A 19 -14.18 -7.76 18.59
CA VAL A 19 -13.61 -8.71 17.64
C VAL A 19 -12.58 -9.55 18.37
N THR A 20 -12.52 -10.84 18.04
CA THR A 20 -11.47 -11.71 18.51
C THR A 20 -10.90 -12.45 17.30
N MET A 21 -9.61 -12.66 17.31
CA MET A 21 -8.96 -13.38 16.24
C MET A 21 -7.89 -14.29 16.84
N SER A 22 -7.61 -15.40 16.15
CA SER A 22 -6.93 -16.53 16.76
C SER A 22 -5.57 -16.75 16.10
N CYS A 23 -4.59 -17.10 16.93
CA CYS A 23 -3.25 -17.46 16.48
C CYS A 23 -2.84 -18.74 17.18
N LYS A 24 -2.39 -19.75 16.42
CA LYS A 24 -1.94 -21.00 17.03
C LYS A 24 -0.55 -21.31 16.53
N SER A 25 0.21 -22.06 17.33
CA SER A 25 1.54 -22.49 16.95
C SER A 25 1.57 -24.02 16.91
N SER A 26 2.44 -24.58 16.07
CA SER A 26 2.52 -26.03 16.02
C SER A 26 3.25 -26.63 17.22
N GLN A 27 3.91 -25.81 18.04
CA GLN A 27 4.39 -26.33 19.30
C GLN A 27 4.40 -25.23 20.34
N SER A 28 4.53 -25.64 21.60
CA SER A 28 4.32 -24.70 22.69
C SER A 28 5.35 -23.59 22.69
N LEU A 29 4.86 -22.37 22.90
CA LEU A 29 5.70 -21.18 23.02
C LEU A 29 5.94 -20.79 24.48
N LEU A 30 5.47 -21.61 25.43
CA LEU A 30 5.65 -21.33 26.86
C LEU A 30 6.96 -21.91 27.34
N TYR A 31 7.87 -21.04 27.73
CA TYR A 31 9.16 -21.48 28.25
C TYR A 31 9.00 -21.82 29.73
N SER A 32 9.30 -23.06 30.09
CA SER A 32 9.07 -23.53 31.46
C SER A 32 9.88 -22.71 32.48
N SER A 33 11.12 -22.35 32.13
CA SER A 33 12.02 -21.66 33.06
C SER A 33 11.41 -20.39 33.62
N ASN A 34 10.94 -19.49 32.76
CA ASN A 34 10.45 -18.20 33.21
C ASN A 34 8.94 -18.04 33.04
N GLN A 35 8.25 -19.09 32.61
CA GLN A 35 6.79 -19.05 32.44
C GLN A 35 6.35 -17.92 31.50
N LYS A 36 7.15 -17.59 30.49
CA LYS A 36 6.72 -16.59 29.51
C LYS A 36 6.38 -17.24 28.18
N ASN A 37 5.39 -16.67 27.49
CA ASN A 37 5.02 -17.08 26.14
C ASN A 37 5.71 -16.16 25.13
N TYR A 38 6.52 -16.76 24.24
CA TYR A 38 7.38 -16.03 23.32
C TYR A 38 6.60 -15.72 22.05
N LEU A 39 5.62 -14.82 22.21
CA LEU A 39 4.59 -14.59 21.20
C LEU A 39 4.31 -13.09 21.13
N ALA A 40 4.29 -12.54 19.91
CA ALA A 40 4.02 -11.12 19.70
C ALA A 40 2.93 -10.99 18.67
N TRP A 41 2.23 -9.85 18.72
CA TRP A 41 1.28 -9.42 17.71
C TRP A 41 1.76 -8.10 17.11
N TYR A 42 1.59 -7.95 15.78
CA TYR A 42 1.86 -6.70 15.09
C TYR A 42 0.61 -6.22 14.35
N GLN A 43 0.50 -4.90 14.19
CA GLN A 43 -0.53 -4.27 13.40
C GLN A 43 0.08 -3.61 12.17
N GLN A 44 -0.45 -3.90 10.99
CA GLN A 44 0.08 -3.28 9.77
C GLN A 44 -1.04 -2.59 9.04
N LYS A 45 -1.04 -1.25 9.10
CA LYS A 45 -2.05 -0.44 8.43
C LYS A 45 -1.64 -0.22 6.97
N PRO A 46 -2.61 0.09 6.11
CA PRO A 46 -2.31 0.25 4.68
C PRO A 46 -1.26 1.31 4.45
N GLY A 47 -0.33 1.01 3.55
CA GLY A 47 0.76 1.93 3.25
C GLY A 47 1.84 1.98 4.30
N GLN A 48 1.80 1.14 5.34
CA GLN A 48 2.68 1.32 6.49
C GLN A 48 3.45 0.04 6.79
N SER A 49 4.48 0.18 7.62
N SER A 49 4.50 0.17 7.63
CA SER A 49 5.23 -0.97 8.13
CA SER A 49 5.23 -0.99 8.12
C SER A 49 4.51 -1.60 9.31
C SER A 49 4.50 -1.60 9.30
N PRO A 50 4.79 -2.87 9.63
CA PRO A 50 4.23 -3.44 10.84
C PRO A 50 4.63 -2.60 12.06
N LYS A 51 3.73 -2.56 13.04
CA LYS A 51 3.97 -1.86 14.29
C LYS A 51 3.75 -2.85 15.44
N LEU A 52 4.66 -2.86 16.41
CA LEU A 52 4.52 -3.77 17.53
C LEU A 52 3.30 -3.38 18.36
N LEU A 53 2.48 -4.39 18.68
CA LEU A 53 1.23 -4.19 19.41
C LEU A 53 1.25 -4.87 20.77
N ILE A 54 1.48 -6.19 20.83
CA ILE A 54 1.49 -7.00 22.05
C ILE A 54 2.75 -7.85 22.04
N TYR A 55 3.35 -8.09 23.22
CA TYR A 55 4.42 -9.09 23.31
C TYR A 55 4.30 -9.82 24.64
N TRP A 56 5.10 -10.88 24.80
CA TRP A 56 4.89 -11.86 25.87
C TRP A 56 3.44 -12.32 25.94
N ALA A 57 2.80 -12.41 24.76
CA ALA A 57 1.41 -12.80 24.57
C ALA A 57 0.37 -11.81 25.13
N SER A 58 0.67 -11.09 26.22
CA SER A 58 -0.36 -10.27 26.86
C SER A 58 0.12 -8.89 27.32
N THR A 59 1.35 -8.48 27.02
CA THR A 59 1.85 -7.16 27.42
C THR A 59 1.61 -6.17 26.28
N ARG A 60 0.84 -5.10 26.54
CA ARG A 60 0.71 -4.06 25.52
C ARG A 60 2.00 -3.25 25.42
N ASP A 61 2.42 -2.96 24.19
CA ASP A 61 3.52 -2.02 24.01
C ASP A 61 3.10 -0.64 24.47
N SER A 62 4.10 0.16 24.86
CA SER A 62 3.84 1.53 25.32
C SER A 62 3.08 2.32 24.27
N GLY A 63 2.00 2.97 24.69
CA GLY A 63 1.21 3.78 23.79
C GLY A 63 0.07 3.07 23.10
N VAL A 64 0.03 1.75 23.13
CA VAL A 64 -1.09 1.01 22.52
C VAL A 64 -2.31 1.13 23.43
N PRO A 65 -3.46 1.57 22.90
CA PRO A 65 -4.67 1.71 23.74
C PRO A 65 -5.08 0.40 24.39
N ASP A 66 -5.82 0.50 25.49
CA ASP A 66 -6.16 -0.71 26.22
C ASP A 66 -7.34 -1.47 25.63
N ARG A 67 -8.00 -0.96 24.59
CA ARG A 67 -8.99 -1.81 23.94
C ARG A 67 -8.34 -2.99 23.21
N PHE A 68 -7.01 -2.99 23.03
CA PHE A 68 -6.31 -4.15 22.49
C PHE A 68 -5.86 -5.06 23.63
N THR A 69 -6.25 -6.34 23.59
CA THR A 69 -5.86 -7.29 24.62
C THR A 69 -5.42 -8.61 24.00
N GLY A 70 -4.23 -9.07 24.37
CA GLY A 70 -3.74 -10.38 23.98
C GLY A 70 -3.87 -11.36 25.13
N SER A 71 -4.20 -12.61 24.80
CA SER A 71 -4.36 -13.64 25.83
C SER A 71 -3.97 -14.99 25.26
N GLY A 72 -4.03 -16.01 26.10
CA GLY A 72 -3.66 -17.35 25.69
C GLY A 72 -2.29 -17.76 26.20
N SER A 73 -1.96 -19.04 25.93
CA SER A 73 -0.76 -19.66 26.47
C SER A 73 -0.47 -20.92 25.67
N GLY A 74 0.81 -21.30 25.65
CA GLY A 74 1.19 -22.57 25.08
C GLY A 74 1.13 -22.54 23.57
N THR A 75 0.05 -23.05 22.99
CA THR A 75 -0.09 -23.05 21.53
C THR A 75 -1.31 -22.28 21.04
N ASP A 76 -2.17 -21.77 21.93
N ASP A 76 -2.16 -21.77 21.93
CA ASP A 76 -3.45 -21.16 21.56
CA ASP A 76 -3.44 -21.15 21.59
C ASP A 76 -3.50 -19.73 22.08
C ASP A 76 -3.44 -19.72 22.09
N PHE A 77 -3.51 -18.76 21.18
CA PHE A 77 -3.48 -17.34 21.53
C PHE A 77 -4.61 -16.59 20.83
N THR A 78 -5.01 -15.47 21.44
CA THR A 78 -6.11 -14.66 20.95
C THR A 78 -5.74 -13.19 21.07
N LEU A 79 -6.14 -12.41 20.07
CA LEU A 79 -6.11 -10.94 20.13
C LEU A 79 -7.57 -10.47 20.11
N THR A 80 -7.94 -9.68 21.12
CA THR A 80 -9.28 -9.13 21.25
C THR A 80 -9.19 -7.62 21.10
N ILE A 81 -10.13 -7.04 20.36
CA ILE A 81 -10.33 -5.60 20.34
C ILE A 81 -11.72 -5.34 20.92
N SER A 82 -11.77 -4.71 22.10
CA SER A 82 -13.03 -4.67 22.87
C SER A 82 -14.06 -3.77 22.20
N SER A 83 -13.62 -2.67 21.59
CA SER A 83 -14.58 -1.73 20.99
C SER A 83 -13.92 -1.09 19.77
N VAL A 84 -14.12 -1.73 18.61
CA VAL A 84 -13.36 -1.39 17.41
C VAL A 84 -13.62 0.05 17.01
N LYS A 85 -12.55 0.78 16.65
CA LYS A 85 -12.74 2.06 16.00
C LYS A 85 -12.43 2.02 14.51
N ALA A 86 -12.92 3.05 13.83
CA ALA A 86 -12.81 3.10 12.38
C ALA A 86 -11.35 3.04 11.92
N GLU A 87 -10.41 3.55 12.72
CA GLU A 87 -9.00 3.56 12.32
C GLU A 87 -8.27 2.26 12.64
N ASP A 88 -8.95 1.24 13.16
CA ASP A 88 -8.30 -0.03 13.51
C ASP A 88 -8.16 -0.98 12.33
N LEU A 89 -8.67 -0.63 11.15
CA LEU A 89 -8.51 -1.53 10.03
C LEU A 89 -7.03 -1.69 9.67
N ALA A 90 -6.62 -2.94 9.43
CA ALA A 90 -5.21 -3.30 9.36
C ALA A 90 -5.14 -4.81 9.12
N VAL A 91 -3.94 -5.30 8.85
CA VAL A 91 -3.69 -6.73 8.97
C VAL A 91 -2.99 -6.95 10.30
N TYR A 92 -3.50 -7.88 11.09
CA TYR A 92 -2.92 -8.23 12.38
C TYR A 92 -2.20 -9.57 12.25
N CYS A 93 -0.90 -9.61 12.57
CA CYS A 93 -0.15 -10.85 12.42
C CYS A 93 0.58 -11.18 13.72
N CYS A 94 0.71 -12.47 13.98
CA CYS A 94 1.44 -12.94 15.15
C CYS A 94 2.78 -13.50 14.73
N GLN A 95 3.69 -13.58 15.71
CA GLN A 95 5.05 -14.01 15.49
C GLN A 95 5.53 -14.78 16.71
N GLN A 96 6.16 -15.94 16.49
CA GLN A 96 6.86 -16.60 17.59
C GLN A 96 8.34 -16.21 17.53
N TYR A 97 8.89 -15.89 18.70
CA TYR A 97 10.31 -15.60 18.83
C TYR A 97 10.93 -16.55 19.85
N TYR A 98 10.40 -17.78 19.86
CA TYR A 98 10.78 -18.87 20.74
C TYR A 98 11.92 -19.71 20.17
N ASN A 99 12.01 -19.83 18.86
CA ASN A 99 12.86 -20.82 18.23
C ASN A 99 13.27 -20.28 16.86
N TYR A 100 14.60 -20.32 16.53
CA TYR A 100 15.05 -19.95 15.18
C TYR A 100 14.73 -21.09 14.21
N PRO A 101 14.25 -20.81 12.99
CA PRO A 101 13.99 -19.46 12.43
C PRO A 101 12.71 -18.87 13.01
N PHE A 102 12.71 -17.57 13.35
CA PHE A 102 11.47 -16.92 13.75
C PHE A 102 10.46 -17.00 12.62
N THR A 103 9.17 -17.16 12.96
CA THR A 103 8.13 -17.36 11.94
C THR A 103 6.90 -16.53 12.31
N PHE A 104 6.17 -16.12 11.27
CA PHE A 104 5.00 -15.26 11.41
C PHE A 104 3.75 -15.99 10.95
N GLY A 105 2.61 -15.67 11.55
CA GLY A 105 1.36 -16.08 10.95
C GLY A 105 1.09 -15.30 9.68
N ALA A 106 0.18 -15.80 8.85
CA ALA A 106 -0.14 -15.15 7.58
C ALA A 106 -0.98 -13.89 7.75
N GLY A 107 -1.55 -13.65 8.91
CA GLY A 107 -2.23 -12.39 9.17
C GLY A 107 -3.75 -12.54 9.13
N THR A 108 -4.43 -11.74 9.92
CA THR A 108 -5.89 -11.58 9.84
C THR A 108 -6.20 -10.17 9.36
N LYS A 109 -6.91 -10.05 8.25
CA LYS A 109 -7.27 -8.73 7.71
C LYS A 109 -8.60 -8.26 8.31
N LEU A 110 -8.54 -7.17 9.06
CA LEU A 110 -9.69 -6.63 9.77
C LEU A 110 -10.27 -5.50 8.94
N GLU A 111 -11.52 -5.65 8.51
CA GLU A 111 -12.22 -4.66 7.69
C GLU A 111 -13.40 -4.12 8.48
N ILE A 112 -13.80 -2.90 8.14
CA ILE A 112 -14.79 -2.19 8.95
C ILE A 112 -16.11 -2.29 8.21
N LYS A 113 -17.17 -2.65 8.91
CA LYS A 113 -18.51 -2.75 8.35
C LYS A 113 -19.26 -1.45 8.61
N ARG A 114 -19.95 -0.94 7.59
CA ARG A 114 -20.70 0.30 7.71
C ARG A 114 -21.95 0.20 6.84
N THR A 115 -22.79 1.24 6.90
CA THR A 115 -24.01 1.22 6.10
C THR A 115 -23.67 1.32 4.62
N VAL A 116 -24.63 0.92 3.78
CA VAL A 116 -24.43 1.01 2.35
C VAL A 116 -24.32 2.46 1.92
N ALA A 117 -23.36 2.75 1.04
CA ALA A 117 -23.14 4.09 0.50
C ALA A 117 -22.93 3.98 -1.00
N ALA A 118 -23.81 4.60 -1.77
CA ALA A 118 -23.65 4.57 -3.22
C ALA A 118 -22.50 5.47 -3.67
N PRO A 119 -21.80 5.11 -4.73
CA PRO A 119 -20.71 5.96 -5.23
C PRO A 119 -21.22 7.25 -5.85
N SER A 120 -20.42 8.30 -5.72
CA SER A 120 -20.53 9.49 -6.56
C SER A 120 -19.64 9.28 -7.77
N VAL A 121 -20.19 9.51 -8.97
CA VAL A 121 -19.50 9.14 -10.20
C VAL A 121 -19.09 10.40 -10.95
N PHE A 122 -17.83 10.45 -11.38
CA PHE A 122 -17.26 11.55 -12.14
C PHE A 122 -16.57 10.99 -13.37
N ILE A 123 -16.52 11.76 -14.46
CA ILE A 123 -15.84 11.31 -15.66
C ILE A 123 -14.99 12.44 -16.22
N PHE A 124 -13.80 12.07 -16.71
CA PHE A 124 -12.78 13.02 -17.19
C PHE A 124 -12.41 12.73 -18.63
N PRO A 125 -12.74 13.60 -19.57
CA PRO A 125 -12.29 13.41 -20.96
C PRO A 125 -10.77 13.53 -21.03
N PRO A 126 -10.15 13.04 -22.10
CA PRO A 126 -8.68 13.13 -22.19
C PRO A 126 -8.27 14.57 -22.38
N SER A 127 -7.06 14.89 -21.92
CA SER A 127 -6.53 16.24 -22.10
C SER A 127 -6.05 16.45 -23.53
N ASP A 128 -6.03 17.72 -23.94
CA ASP A 128 -5.43 18.07 -25.22
C ASP A 128 -3.95 17.69 -25.26
N GLU A 129 -3.24 17.85 -24.14
CA GLU A 129 -1.84 17.43 -24.08
C GLU A 129 -1.69 15.96 -24.44
N GLN A 130 -2.50 15.08 -23.83
CA GLN A 130 -2.38 13.66 -24.15
C GLN A 130 -2.70 13.39 -25.61
N LEU A 131 -3.78 13.99 -26.11
CA LEU A 131 -4.18 13.75 -27.50
C LEU A 131 -3.07 14.05 -28.48
N LYS A 132 -2.23 15.04 -28.17
CA LYS A 132 -1.10 15.33 -29.04
C LYS A 132 -0.16 14.14 -29.17
N SER A 133 -0.10 13.27 -28.17
CA SER A 133 0.82 12.14 -28.14
C SER A 133 0.30 10.89 -28.85
N GLY A 134 -0.93 10.91 -29.37
CA GLY A 134 -1.47 9.79 -30.10
C GLY A 134 -2.37 8.84 -29.33
N THR A 135 -2.54 9.03 -28.01
CA THR A 135 -3.39 8.18 -27.19
C THR A 135 -4.41 9.04 -26.45
N ALA A 136 -5.57 8.44 -26.18
CA ALA A 136 -6.63 9.06 -25.38
C ALA A 136 -6.98 8.14 -24.22
N SER A 137 -6.81 8.63 -23.00
CA SER A 137 -7.27 7.93 -21.80
C SER A 137 -8.51 8.64 -21.27
N VAL A 138 -9.57 7.88 -21.03
CA VAL A 138 -10.79 8.38 -20.41
C VAL A 138 -10.85 7.78 -19.01
N VAL A 139 -11.11 8.60 -18.01
CA VAL A 139 -11.07 8.12 -16.64
C VAL A 139 -12.44 8.29 -16.00
N CYS A 140 -12.88 7.24 -15.30
CA CYS A 140 -14.12 7.24 -14.54
C CYS A 140 -13.78 7.02 -13.07
N LEU A 141 -14.31 7.88 -12.20
CA LEU A 141 -14.03 7.81 -10.76
C LEU A 141 -15.32 7.48 -10.02
N LEU A 142 -15.29 6.42 -9.19
CA LEU A 142 -16.38 6.08 -8.28
C LEU A 142 -15.90 6.42 -6.89
N ASN A 143 -16.55 7.40 -6.25
CA ASN A 143 -16.01 7.97 -5.02
C ASN A 143 -16.87 7.61 -3.80
N ASN A 144 -16.19 7.11 -2.76
CA ASN A 144 -16.72 7.00 -1.41
C ASN A 144 -17.97 6.12 -1.36
N PHE A 145 -17.80 4.85 -1.71
CA PHE A 145 -18.92 3.91 -1.70
C PHE A 145 -18.62 2.76 -0.76
N TYR A 146 -19.68 2.01 -0.39
CA TYR A 146 -19.58 0.80 0.42
C TYR A 146 -20.80 -0.09 0.18
N PRO A 147 -20.63 -1.41 0.00
CA PRO A 147 -19.41 -2.23 0.11
C PRO A 147 -18.50 -2.13 -1.10
N ARG A 148 -17.41 -2.90 -1.06
CA ARG A 148 -16.34 -2.78 -2.03
C ARG A 148 -16.77 -3.23 -3.43
N GLU A 149 -17.67 -4.21 -3.51
CA GLU A 149 -18.06 -4.78 -4.79
C GLU A 149 -18.78 -3.75 -5.64
N ALA A 150 -18.27 -3.52 -6.85
CA ALA A 150 -18.86 -2.58 -7.80
C ALA A 150 -18.49 -3.01 -9.20
N LYS A 151 -19.35 -2.71 -10.16
CA LYS A 151 -19.12 -3.10 -11.54
C LYS A 151 -19.11 -1.86 -12.44
N VAL A 152 -18.07 -1.76 -13.27
CA VAL A 152 -17.90 -0.67 -14.22
C VAL A 152 -17.85 -1.25 -15.63
N GLN A 153 -18.70 -0.72 -16.50
CA GLN A 153 -18.66 -1.07 -17.91
C GLN A 153 -18.57 0.19 -18.75
N TRP A 154 -17.72 0.15 -19.76
CA TRP A 154 -17.48 1.26 -20.65
C TRP A 154 -18.28 1.05 -21.94
N LYS A 155 -18.91 2.13 -22.42
CA LYS A 155 -19.62 2.13 -23.68
C LYS A 155 -19.20 3.33 -24.51
N VAL A 156 -18.93 3.09 -25.79
CA VAL A 156 -18.51 4.09 -26.75
C VAL A 156 -19.55 4.07 -27.85
N ASP A 157 -20.34 5.15 -27.95
CA ASP A 157 -21.51 5.15 -28.84
C ASP A 157 -22.41 3.95 -28.57
N ASN A 158 -22.59 3.65 -27.28
CA ASN A 158 -23.42 2.56 -26.77
C ASN A 158 -22.92 1.17 -27.15
N ALA A 159 -21.70 1.03 -27.65
CA ALA A 159 -21.10 -0.29 -27.87
C ALA A 159 -20.30 -0.68 -26.63
N LEU A 160 -20.64 -1.81 -26.03
CA LEU A 160 -19.93 -2.22 -24.82
C LEU A 160 -18.48 -2.53 -25.18
N GLN A 161 -17.56 -2.04 -24.35
CA GLN A 161 -16.13 -2.19 -24.58
C GLN A 161 -15.60 -3.40 -23.83
N SER A 162 -14.66 -4.12 -24.44
CA SER A 162 -13.96 -5.17 -23.72
C SER A 162 -12.48 -5.16 -24.08
N GLY A 163 -11.63 -5.40 -23.07
CA GLY A 163 -10.21 -5.58 -23.27
C GLY A 163 -9.38 -4.32 -23.26
N ASN A 164 -10.01 -3.14 -23.16
CA ASN A 164 -9.28 -1.88 -23.28
C ASN A 164 -9.46 -0.98 -22.05
N SER A 165 -9.79 -1.56 -20.90
CA SER A 165 -9.93 -0.79 -19.68
C SER A 165 -9.21 -1.50 -18.53
N GLN A 166 -8.79 -0.72 -17.54
CA GLN A 166 -8.20 -1.26 -16.33
C GLN A 166 -8.74 -0.47 -15.16
N GLU A 167 -8.74 -1.07 -13.98
CA GLU A 167 -9.24 -0.37 -12.81
C GLU A 167 -8.43 -0.75 -11.58
N SER A 168 -8.54 0.09 -10.56
CA SER A 168 -7.97 -0.23 -9.25
C SER A 168 -8.78 0.45 -8.15
N VAL A 169 -8.65 -0.06 -6.93
CA VAL A 169 -9.52 0.31 -5.82
C VAL A 169 -8.63 0.73 -4.65
N THR A 170 -9.03 1.79 -3.94
CA THR A 170 -8.25 2.21 -2.78
C THR A 170 -8.45 1.21 -1.64
N GLU A 171 -7.52 1.23 -0.68
CA GLU A 171 -7.81 0.61 0.61
C GLU A 171 -8.96 1.33 1.29
N GLN A 172 -9.59 0.64 2.23
CA GLN A 172 -10.68 1.24 2.98
C GLN A 172 -10.23 2.49 3.75
N ASP A 173 -11.04 3.55 3.63
CA ASP A 173 -10.76 4.83 4.29
C ASP A 173 -10.83 4.66 5.81
N SER A 174 -9.84 5.18 6.53
CA SER A 174 -9.76 4.97 7.97
C SER A 174 -10.73 5.85 8.75
N LYS A 175 -11.46 6.73 8.08
CA LYS A 175 -12.33 7.69 8.74
C LYS A 175 -13.80 7.39 8.46
N ASP A 176 -14.20 7.32 7.19
CA ASP A 176 -15.59 7.05 6.82
C ASP A 176 -15.81 5.60 6.36
N SER A 177 -14.77 4.78 6.32
CA SER A 177 -14.88 3.36 6.03
C SER A 177 -15.36 3.05 4.60
N THR A 178 -15.18 3.97 3.65
CA THR A 178 -15.60 3.70 2.29
C THR A 178 -14.42 3.32 1.40
N TYR A 179 -14.74 2.95 0.16
CA TYR A 179 -13.76 2.69 -0.89
C TYR A 179 -13.96 3.69 -2.01
N SER A 180 -12.92 3.89 -2.82
CA SER A 180 -13.07 4.56 -4.11
C SER A 180 -12.40 3.72 -5.20
N LEU A 181 -12.76 4.02 -6.45
CA LEU A 181 -12.36 3.21 -7.59
C LEU A 181 -12.13 4.11 -8.79
N SER A 182 -11.10 3.80 -9.55
CA SER A 182 -10.73 4.52 -10.75
C SER A 182 -10.64 3.51 -11.89
N SER A 183 -11.27 3.82 -13.02
CA SER A 183 -11.21 2.98 -14.21
C SER A 183 -10.74 3.83 -15.38
N THR A 184 -9.80 3.31 -16.17
CA THR A 184 -9.24 4.04 -17.31
C THR A 184 -9.56 3.27 -18.58
N LEU A 185 -10.24 3.92 -19.51
CA LEU A 185 -10.43 3.42 -20.86
C LEU A 185 -9.34 3.97 -21.78
N THR A 186 -8.61 3.10 -22.47
CA THR A 186 -7.51 3.55 -23.33
C THR A 186 -7.85 3.28 -24.80
N LEU A 187 -7.81 4.33 -25.62
CA LEU A 187 -8.04 4.25 -27.07
C LEU A 187 -6.93 5.00 -27.77
N SER A 188 -6.73 4.68 -29.06
CA SER A 188 -5.88 5.55 -29.87
C SER A 188 -6.59 6.87 -30.12
N LYS A 189 -5.82 7.93 -30.35
CA LYS A 189 -6.41 9.20 -30.78
C LYS A 189 -7.37 8.98 -31.94
N ALA A 190 -6.94 8.22 -32.94
CA ALA A 190 -7.76 8.03 -34.13
C ALA A 190 -9.12 7.46 -33.78
N ASP A 191 -9.15 6.46 -32.90
CA ASP A 191 -10.42 5.87 -32.49
C ASP A 191 -11.23 6.83 -31.65
N TYR A 192 -10.56 7.59 -30.75
CA TYR A 192 -11.27 8.56 -29.93
C TYR A 192 -12.01 9.59 -30.79
N GLU A 193 -11.36 10.05 -31.86
CA GLU A 193 -11.92 11.11 -32.69
C GLU A 193 -13.01 10.58 -33.61
N LYS A 194 -13.13 9.27 -33.76
CA LYS A 194 -14.11 8.66 -34.65
C LYS A 194 -15.45 8.40 -33.95
N HIS A 195 -15.53 8.62 -32.64
CA HIS A 195 -16.74 8.31 -31.89
C HIS A 195 -17.16 9.51 -31.04
N LYS A 196 -18.42 9.51 -30.62
CA LYS A 196 -19.01 10.69 -30.00
C LYS A 196 -19.27 10.52 -28.51
N VAL A 197 -19.97 9.46 -28.10
CA VAL A 197 -20.46 9.35 -26.73
C VAL A 197 -19.58 8.40 -25.95
N TYR A 198 -19.01 8.89 -24.85
CA TYR A 198 -18.17 8.10 -23.94
C TYR A 198 -18.86 8.01 -22.60
N ALA A 199 -19.11 6.78 -22.15
CA ALA A 199 -19.98 6.53 -21.00
C ALA A 199 -19.40 5.45 -20.12
N CYS A 200 -19.39 5.67 -18.80
N CYS A 200 -19.56 5.65 -18.81
CA CYS A 200 -19.12 4.57 -17.88
CA CYS A 200 -19.16 4.73 -17.75
C CYS A 200 -20.41 4.29 -17.12
C CYS A 200 -20.42 4.31 -17.01
N GLU A 201 -20.79 3.03 -17.09
CA GLU A 201 -22.01 2.57 -16.45
C GLU A 201 -21.62 1.84 -15.18
N VAL A 202 -22.23 2.22 -14.07
CA VAL A 202 -21.82 1.78 -12.74
C VAL A 202 -22.95 1.01 -12.09
N THR A 203 -22.64 -0.18 -11.57
CA THR A 203 -23.58 -1.01 -10.85
C THR A 203 -23.08 -1.16 -9.42
N HIS A 204 -23.95 -0.89 -8.45
CA HIS A 204 -23.54 -0.99 -7.05
C HIS A 204 -24.78 -1.22 -6.19
N GLN A 205 -24.55 -1.82 -5.02
CA GLN A 205 -25.66 -2.15 -4.12
C GLN A 205 -26.48 -0.91 -3.75
N GLY A 206 -25.82 0.23 -3.55
CA GLY A 206 -26.52 1.45 -3.17
C GLY A 206 -27.30 2.11 -4.28
N LEU A 207 -27.22 1.63 -5.50
CA LEU A 207 -27.96 2.18 -6.62
C LEU A 207 -29.11 1.24 -6.95
N SER A 208 -30.32 1.79 -6.99
CA SER A 208 -31.49 0.99 -7.32
C SER A 208 -31.41 0.46 -8.74
N SER A 209 -30.77 1.21 -9.63
CA SER A 209 -30.54 0.81 -11.02
C SER A 209 -29.21 1.39 -11.47
N PRO A 210 -28.59 0.81 -12.48
CA PRO A 210 -27.26 1.27 -12.90
C PRO A 210 -27.26 2.75 -13.25
N VAL A 211 -26.16 3.42 -12.95
CA VAL A 211 -25.97 4.85 -13.22
C VAL A 211 -24.96 5.01 -14.34
N THR A 212 -25.26 5.85 -15.31
CA THR A 212 -24.36 6.16 -16.43
C THR A 212 -23.89 7.60 -16.31
N LYS A 213 -22.57 7.79 -16.23
CA LYS A 213 -21.97 9.12 -16.35
C LYS A 213 -21.34 9.20 -17.74
N SER A 214 -21.72 10.20 -18.52
CA SER A 214 -21.25 10.25 -19.88
C SER A 214 -21.03 11.68 -20.31
N PHE A 215 -20.23 11.82 -21.36
CA PHE A 215 -20.02 13.09 -22.06
C PHE A 215 -19.94 12.81 -23.55
N ASN A 216 -20.20 13.86 -24.34
CA ASN A 216 -19.97 13.83 -25.78
C ASN A 216 -18.72 14.62 -26.09
N ARG A 217 -17.79 13.98 -26.79
CA ARG A 217 -16.53 14.60 -27.20
C ARG A 217 -16.77 15.94 -27.88
N GLY A 218 -16.06 16.97 -27.41
CA GLY A 218 -16.21 18.31 -27.97
C GLY A 218 -17.37 19.10 -27.42
N GLU A 219 -18.23 18.48 -26.61
CA GLU A 219 -19.19 19.17 -25.76
C GLU A 219 -18.90 18.95 -24.29
N CYS A 220 -18.44 17.73 -23.95
CA CYS A 220 -17.83 17.30 -22.66
C CYS A 220 -18.48 17.77 -21.34
N GLN B 1 12.28 8.52 19.36
CA GLN B 1 13.17 9.23 18.45
C GLN B 1 14.16 8.23 17.84
N VAL B 2 13.96 6.99 18.27
CA VAL B 2 14.57 5.84 17.63
C VAL B 2 14.01 5.71 16.23
N GLN B 3 14.89 5.60 15.23
CA GLN B 3 14.36 5.39 13.89
C GLN B 3 15.37 4.65 13.04
N LEU B 4 14.84 3.88 12.09
CA LEU B 4 15.62 3.14 11.11
C LEU B 4 15.24 3.68 9.74
N GLN B 5 16.21 4.27 9.04
CA GLN B 5 15.98 4.92 7.75
C GLN B 5 16.53 4.01 6.66
N GLN B 6 15.67 3.54 5.75
CA GLN B 6 16.07 2.58 4.74
C GLN B 6 16.35 3.26 3.40
N SER B 7 17.19 2.61 2.60
CA SER B 7 17.52 3.14 1.28
C SER B 7 16.29 3.08 0.36
N GLY B 8 16.40 3.75 -0.78
CA GLY B 8 15.28 3.91 -1.68
C GLY B 8 15.07 2.72 -2.61
N THR B 9 14.01 2.84 -3.42
CA THR B 9 13.56 1.79 -4.33
C THR B 9 14.67 1.38 -5.29
N ASP B 10 14.76 0.07 -5.55
CA ASP B 10 15.76 -0.52 -6.44
C ASP B 10 15.10 -1.28 -7.59
N LEU B 11 15.52 -0.99 -8.81
CA LEU B 11 15.25 -1.81 -9.99
C LEU B 11 16.54 -2.56 -10.33
N VAL B 12 16.50 -3.89 -10.34
CA VAL B 12 17.70 -4.67 -10.62
C VAL B 12 17.43 -5.78 -11.64
N ARG B 13 18.44 -6.10 -12.43
CA ARG B 13 18.22 -7.01 -13.55
C ARG B 13 18.32 -8.46 -13.04
N PRO B 14 17.65 -9.42 -13.71
CA PRO B 14 17.75 -10.83 -13.29
C PRO B 14 19.20 -11.28 -13.31
N GLY B 15 19.58 -12.01 -12.26
CA GLY B 15 20.93 -12.52 -12.16
C GLY B 15 21.91 -11.60 -11.48
N THR B 16 21.58 -10.32 -11.31
CA THR B 16 22.48 -9.39 -10.65
C THR B 16 22.15 -9.33 -9.17
N SER B 17 22.73 -8.38 -8.45
N SER B 17 22.72 -8.38 -8.45
CA SER B 17 22.60 -8.35 -7.00
CA SER B 17 22.55 -8.34 -7.00
C SER B 17 22.24 -6.94 -6.54
C SER B 17 22.10 -6.95 -6.59
N VAL B 18 21.80 -6.81 -5.29
CA VAL B 18 21.38 -5.53 -4.75
C VAL B 18 21.79 -5.47 -3.28
N LYS B 19 22.02 -4.26 -2.80
CA LYS B 19 22.33 -3.98 -1.39
C LYS B 19 21.28 -3.00 -0.84
N VAL B 20 20.57 -3.42 0.21
CA VAL B 20 19.62 -2.56 0.92
C VAL B 20 20.28 -2.07 2.20
N SER B 21 20.13 -0.78 2.52
N SER B 21 20.13 -0.78 2.51
CA SER B 21 20.77 -0.21 3.71
CA SER B 21 20.75 -0.14 3.67
C SER B 21 19.74 0.25 4.73
C SER B 21 19.71 0.20 4.74
N CYS B 22 20.17 0.28 5.99
CA CYS B 22 19.28 0.53 7.12
C CYS B 22 20.09 1.35 8.13
N LYS B 23 19.86 2.64 8.16
CA LYS B 23 20.66 3.56 8.97
C LYS B 23 19.93 3.86 10.26
N ALA B 24 20.52 3.49 11.39
CA ALA B 24 19.89 3.66 12.71
C ALA B 24 20.26 4.99 13.35
N SER B 25 19.30 5.60 14.05
CA SER B 25 19.62 6.80 14.82
C SER B 25 18.72 6.84 16.04
N GLY B 26 19.09 7.67 17.01
CA GLY B 26 18.31 7.88 18.21
C GLY B 26 18.58 6.89 19.32
N TYR B 27 19.56 5.99 19.14
CA TYR B 27 19.92 4.98 20.11
C TYR B 27 21.29 4.44 19.78
N ALA B 28 21.85 3.64 20.70
CA ALA B 28 23.19 3.07 20.55
C ALA B 28 23.11 1.83 19.66
N PHE B 29 23.56 1.98 18.41
CA PHE B 29 23.40 1.00 17.35
C PHE B 29 23.88 -0.40 17.76
N THR B 30 24.99 -0.47 18.47
CA THR B 30 25.58 -1.77 18.76
C THR B 30 24.89 -2.52 19.89
N THR B 31 23.86 -1.97 20.54
CA THR B 31 23.29 -2.60 21.72
C THR B 31 21.94 -3.28 21.48
N TYR B 32 21.46 -3.29 20.23
CA TYR B 32 20.24 -4.00 19.85
C TYR B 32 20.51 -4.78 18.58
N PHE B 33 19.75 -5.86 18.35
CA PHE B 33 19.89 -6.60 17.10
C PHE B 33 19.19 -5.90 15.95
N ILE B 34 19.66 -6.16 14.73
CA ILE B 34 18.95 -5.76 13.53
C ILE B 34 18.43 -7.02 12.84
N GLU B 35 17.13 -7.06 12.56
CA GLU B 35 16.46 -8.17 11.91
C GLU B 35 16.08 -7.73 10.50
N TRP B 36 15.92 -8.69 9.60
CA TRP B 36 15.48 -8.41 8.23
C TRP B 36 14.33 -9.34 7.89
N VAL B 37 13.33 -8.77 7.23
CA VAL B 37 12.05 -9.44 7.00
C VAL B 37 11.61 -9.11 5.57
N LYS B 38 11.09 -10.11 4.88
CA LYS B 38 10.63 -9.98 3.50
C LYS B 38 9.12 -9.99 3.48
N GLN B 39 8.52 -9.16 2.62
CA GLN B 39 7.07 -9.19 2.47
C GLN B 39 6.71 -9.05 1.00
N ARG B 40 6.08 -10.07 0.44
N ARG B 40 6.05 -10.05 0.46
CA ARG B 40 5.65 -9.94 -0.94
CA ARG B 40 5.63 -9.96 -0.93
C ARG B 40 4.22 -9.44 -0.99
C ARG B 40 4.21 -9.41 -0.98
N PRO B 41 3.81 -8.82 -2.14
CA PRO B 41 2.48 -8.19 -2.23
C PRO B 41 1.32 -8.92 -1.58
N GLY B 42 0.77 -8.30 -0.54
CA GLY B 42 -0.41 -8.81 0.15
C GLY B 42 -0.25 -10.16 0.78
N GLN B 43 0.98 -10.54 1.17
CA GLN B 43 1.28 -11.89 1.62
C GLN B 43 2.01 -11.80 2.97
N GLY B 44 2.33 -12.96 3.56
CA GLY B 44 2.83 -12.99 4.93
C GLY B 44 4.28 -12.55 5.07
N LEU B 45 4.68 -12.29 6.31
CA LEU B 45 6.06 -11.89 6.56
C LEU B 45 6.95 -13.13 6.68
N GLU B 46 8.19 -13.05 6.15
CA GLU B 46 9.16 -14.13 6.26
C GLU B 46 10.43 -13.55 6.85
N TRP B 47 10.98 -14.22 7.86
CA TRP B 47 12.19 -13.76 8.53
C TRP B 47 13.43 -14.22 7.75
N ILE B 48 14.31 -13.28 7.44
CA ILE B 48 15.53 -13.61 6.69
C ILE B 48 16.68 -13.97 7.62
N GLY B 49 16.96 -13.12 8.60
CA GLY B 49 18.14 -13.33 9.41
C GLY B 49 18.32 -12.15 10.35
N VAL B 50 19.37 -12.24 11.16
CA VAL B 50 19.61 -11.26 12.22
C VAL B 50 21.10 -11.02 12.29
N ILE B 51 21.50 -9.78 12.60
CA ILE B 51 22.90 -9.48 12.86
C ILE B 51 23.04 -8.72 14.19
N ASN B 52 24.10 -9.06 14.93
CA ASN B 52 24.53 -8.30 16.08
C ASN B 52 25.50 -7.23 15.59
N PRO B 53 25.12 -5.95 15.55
CA PRO B 53 26.03 -4.93 15.01
C PRO B 53 27.28 -4.74 15.86
N GLY B 54 27.26 -5.13 17.14
CA GLY B 54 28.44 -4.98 17.98
C GLY B 54 29.53 -5.96 17.60
N SER B 55 29.16 -7.22 17.35
CA SER B 55 30.14 -8.25 16.99
C SER B 55 30.24 -8.50 15.49
N GLY B 56 29.25 -8.06 14.72
CA GLY B 56 29.21 -8.30 13.30
C GLY B 56 28.71 -9.67 12.90
N ILE B 57 28.28 -10.51 13.84
CA ILE B 57 28.00 -11.91 13.56
C ILE B 57 26.54 -12.06 13.12
N PRO B 58 26.27 -12.65 11.95
CA PRO B 58 24.89 -12.89 11.54
C PRO B 58 24.45 -14.33 11.79
N ASN B 59 23.14 -14.53 11.76
CA ASN B 59 22.49 -15.84 11.83
C ASN B 59 21.38 -15.82 10.80
N TYR B 60 21.28 -16.87 9.98
CA TYR B 60 20.36 -16.88 8.87
C TYR B 60 19.27 -17.92 9.05
N ASN B 61 18.08 -17.59 8.56
CA ASN B 61 17.09 -18.62 8.26
C ASN B 61 17.70 -19.54 7.17
N GLU B 62 17.63 -20.86 7.38
CA GLU B 62 18.12 -21.79 6.35
C GLU B 62 17.46 -21.57 5.00
N MET B 63 16.29 -20.91 4.99
CA MET B 63 15.55 -20.65 3.77
C MET B 63 16.25 -19.54 2.95
N PHE B 64 17.06 -18.71 3.61
CA PHE B 64 17.68 -17.53 2.98
C PHE B 64 19.20 -17.52 2.99
N LYS B 65 19.86 -18.53 3.57
CA LYS B 65 21.30 -18.38 3.81
C LYS B 65 22.10 -18.26 2.50
N GLY B 66 21.57 -18.75 1.39
CA GLY B 66 22.28 -18.66 0.12
C GLY B 66 21.93 -17.38 -0.62
N LYS B 67 20.74 -16.86 -0.35
CA LYS B 67 20.24 -15.67 -1.04
C LYS B 67 20.74 -14.39 -0.38
N ALA B 68 20.87 -14.37 0.95
CA ALA B 68 21.07 -13.14 1.72
C ALA B 68 22.43 -13.18 2.43
N THR B 69 23.06 -12.02 2.54
CA THR B 69 24.25 -11.85 3.38
C THR B 69 24.08 -10.55 4.18
N LEU B 70 24.26 -10.61 5.50
CA LEU B 70 24.11 -9.43 6.36
C LEU B 70 25.48 -8.87 6.77
N THR B 71 25.62 -7.54 6.72
CA THR B 71 26.78 -6.86 7.28
C THR B 71 26.31 -5.63 8.05
N ALA B 72 27.23 -5.05 8.81
CA ALA B 72 26.95 -3.83 9.57
C ALA B 72 28.21 -3.00 9.68
N ASP B 73 28.05 -1.67 9.55
CA ASP B 73 29.14 -0.70 9.67
C ASP B 73 28.91 0.12 10.94
N LYS B 74 29.74 -0.11 11.97
CA LYS B 74 29.59 0.62 13.22
C LYS B 74 29.81 2.12 13.04
N SER B 75 30.79 2.50 12.22
CA SER B 75 31.15 3.90 12.14
C SER B 75 30.00 4.75 11.60
N SER B 76 29.17 4.20 10.72
CA SER B 76 28.04 4.91 10.14
C SER B 76 26.70 4.44 10.72
N SER B 77 26.72 3.58 11.73
CA SER B 77 25.49 3.03 12.34
C SER B 77 24.52 2.46 11.29
N THR B 78 25.04 1.73 10.32
CA THR B 78 24.23 1.25 9.20
C THR B 78 24.37 -0.26 9.05
N ALA B 79 23.23 -0.95 8.89
CA ALA B 79 23.17 -2.37 8.60
C ALA B 79 22.81 -2.57 7.13
N TYR B 80 23.34 -3.63 6.54
CA TYR B 80 23.11 -3.87 5.12
C TYR B 80 22.61 -5.28 4.86
N LEU B 81 21.69 -5.39 3.90
CA LEU B 81 21.18 -6.64 3.39
C LEU B 81 21.62 -6.78 1.93
N HIS B 82 22.45 -7.78 1.65
CA HIS B 82 22.92 -8.07 0.30
C HIS B 82 22.11 -9.24 -0.25
N LEU B 83 21.49 -9.07 -1.42
CA LEU B 83 20.70 -10.13 -2.04
C LEU B 83 21.38 -10.51 -3.34
N SER B 84 21.51 -11.80 -3.61
CA SER B 84 22.35 -12.15 -4.74
C SER B 84 21.57 -12.98 -5.77
N SER B 85 22.08 -12.97 -7.00
CA SER B 85 21.57 -13.79 -8.11
C SER B 85 20.05 -13.66 -8.26
N LEU B 86 19.57 -12.44 -8.50
CA LEU B 86 18.16 -12.20 -8.25
C LEU B 86 17.24 -12.84 -9.30
N THR B 87 16.02 -13.16 -8.85
N THR B 87 16.02 -13.14 -8.87
CA THR B 87 14.97 -13.74 -9.66
CA THR B 87 14.99 -13.67 -9.73
C THR B 87 13.68 -12.99 -9.40
C THR B 87 13.67 -13.03 -9.36
N SER B 88 12.63 -13.30 -10.17
CA SER B 88 11.36 -12.61 -9.97
C SER B 88 10.78 -12.89 -8.59
N ASP B 89 11.09 -14.04 -7.98
CA ASP B 89 10.61 -14.31 -6.61
C ASP B 89 11.23 -13.36 -5.55
N ASP B 90 12.32 -12.68 -5.88
CA ASP B 90 12.95 -11.73 -4.97
C ASP B 90 12.32 -10.35 -5.03
N SER B 91 11.44 -10.08 -5.99
CA SER B 91 10.70 -8.82 -6.00
C SER B 91 9.77 -8.76 -4.79
N ALA B 92 9.99 -7.78 -3.92
CA ALA B 92 9.28 -7.72 -2.64
C ALA B 92 9.66 -6.44 -1.92
N VAL B 93 9.07 -6.20 -0.76
CA VAL B 93 9.52 -5.14 0.14
C VAL B 93 10.40 -5.79 1.22
N TYR B 94 11.57 -5.21 1.50
CA TYR B 94 12.44 -5.72 2.56
C TYR B 94 12.45 -4.70 3.70
N PHE B 95 12.11 -5.17 4.90
CA PHE B 95 12.11 -4.36 6.12
C PHE B 95 13.35 -4.70 6.96
N CYS B 96 14.01 -3.68 7.53
CA CYS B 96 14.84 -3.92 8.71
C CYS B 96 14.03 -3.58 9.95
N ALA B 97 14.32 -4.29 11.03
CA ALA B 97 13.62 -4.07 12.28
C ALA B 97 14.61 -4.25 13.43
N ARG B 98 14.41 -3.48 14.49
CA ARG B 98 15.23 -3.60 15.68
C ARG B 98 14.60 -4.60 16.64
N ALA B 99 15.45 -5.35 17.36
CA ALA B 99 14.99 -6.26 18.39
C ALA B 99 15.85 -6.08 19.64
N PRO B 100 15.23 -6.05 20.84
CA PRO B 100 16.03 -5.95 22.08
C PRO B 100 17.11 -7.01 22.18
N TYR B 101 18.18 -6.63 22.87
CA TYR B 101 19.24 -7.53 23.32
C TYR B 101 19.31 -7.35 24.83
N TYR B 102 18.27 -7.81 25.54
CA TYR B 102 18.17 -7.69 26.98
C TYR B 102 18.58 -9.01 27.62
N TYR B 103 19.12 -8.92 28.82
CA TYR B 103 19.42 -10.11 29.61
C TYR B 103 20.29 -11.10 28.85
N GLY B 104 21.08 -10.62 27.88
CA GLY B 104 21.98 -11.48 27.14
C GLY B 104 21.31 -12.38 26.11
N SER B 105 20.07 -12.09 25.74
CA SER B 105 19.29 -12.97 24.87
C SER B 105 18.93 -12.26 23.57
N SER B 106 18.89 -13.04 22.47
CA SER B 106 18.38 -12.55 21.20
C SER B 106 16.92 -12.92 20.96
N TYR B 107 16.28 -13.63 21.89
CA TYR B 107 14.94 -14.18 21.65
C TYR B 107 13.92 -13.12 22.05
N TYR B 108 13.68 -12.19 21.13
CA TYR B 108 12.85 -11.02 21.43
C TYR B 108 11.96 -10.64 20.24
N TYR B 109 10.86 -9.97 20.55
CA TYR B 109 10.00 -9.33 19.57
C TYR B 109 10.74 -8.19 18.86
N PHE B 110 10.11 -7.62 17.82
CA PHE B 110 10.77 -6.61 17.00
C PHE B 110 10.12 -5.26 17.30
N ASP B 111 10.85 -4.38 17.99
CA ASP B 111 10.12 -3.24 18.56
C ASP B 111 10.05 -2.01 17.66
N VAL B 112 10.96 -1.85 16.69
CA VAL B 112 10.97 -0.67 15.82
C VAL B 112 11.29 -1.14 14.42
N TRP B 113 10.49 -0.70 13.43
CA TRP B 113 10.60 -1.17 12.05
C TRP B 113 10.95 0.00 11.12
N GLY B 114 11.77 -0.27 10.11
CA GLY B 114 12.00 0.68 9.04
C GLY B 114 10.79 0.76 8.12
N ALA B 115 10.83 1.70 7.18
CA ALA B 115 9.70 1.92 6.28
C ALA B 115 9.64 0.90 5.15
N GLY B 116 10.67 0.12 4.96
CA GLY B 116 10.73 -0.86 3.90
C GLY B 116 11.39 -0.30 2.65
N THR B 117 12.05 -1.20 1.92
CA THR B 117 12.66 -0.90 0.64
C THR B 117 12.05 -1.82 -0.43
N THR B 118 11.53 -1.23 -1.50
CA THR B 118 10.93 -1.99 -2.59
C THR B 118 12.02 -2.37 -3.58
N VAL B 119 12.14 -3.67 -3.87
CA VAL B 119 13.05 -4.20 -4.87
C VAL B 119 12.22 -4.80 -6.00
N THR B 120 12.45 -4.36 -7.22
CA THR B 120 11.82 -4.92 -8.40
C THR B 120 12.90 -5.58 -9.25
N VAL B 121 12.72 -6.84 -9.60
CA VAL B 121 13.67 -7.55 -10.46
C VAL B 121 13.07 -7.63 -11.86
N SER B 122 13.77 -7.07 -12.85
CA SER B 122 13.18 -7.00 -14.18
C SER B 122 14.25 -6.59 -15.19
N SER B 123 14.08 -7.05 -16.44
CA SER B 123 14.99 -6.63 -17.50
C SER B 123 14.60 -5.30 -18.14
N ALA B 124 13.45 -4.71 -17.77
CA ALA B 124 12.98 -3.46 -18.38
C ALA B 124 13.74 -2.24 -17.85
N SER B 125 13.79 -1.17 -18.65
CA SER B 125 14.54 0.01 -18.23
C SER B 125 13.68 0.97 -17.39
N THR B 126 14.36 1.80 -16.62
CA THR B 126 13.71 2.91 -15.93
C THR B 126 13.06 3.85 -16.95
N LYS B 127 11.85 4.33 -16.65
CA LYS B 127 11.21 5.32 -17.50
C LYS B 127 10.37 6.26 -16.65
N GLY B 128 10.53 7.57 -16.88
CA GLY B 128 9.81 8.56 -16.11
C GLY B 128 8.42 8.79 -16.64
N PRO B 129 7.53 9.31 -15.80
CA PRO B 129 6.13 9.45 -16.20
C PRO B 129 5.85 10.70 -17.03
N SER B 130 4.77 10.60 -17.80
CA SER B 130 4.05 11.76 -18.32
C SER B 130 2.89 12.07 -17.38
N VAL B 131 2.59 13.34 -17.14
CA VAL B 131 1.54 13.74 -16.20
C VAL B 131 0.50 14.56 -16.96
N PHE B 132 -0.74 14.10 -16.96
CA PHE B 132 -1.80 14.77 -17.69
C PHE B 132 -2.89 15.24 -16.73
N PRO B 133 -3.54 16.38 -17.00
CA PRO B 133 -4.62 16.83 -16.12
C PRO B 133 -5.89 16.02 -16.32
N LEU B 134 -6.62 15.82 -15.23
CA LEU B 134 -7.95 15.24 -15.24
C LEU B 134 -8.92 16.37 -14.91
N ALA B 135 -9.52 17.01 -15.98
CA ALA B 135 -10.54 18.04 -15.78
C ALA B 135 -11.93 17.44 -15.90
N PRO B 136 -12.83 17.69 -14.93
CA PRO B 136 -14.15 17.04 -14.96
C PRO B 136 -14.99 17.45 -16.17
N SER B 137 -15.84 16.53 -16.61
CA SER B 137 -16.92 16.94 -17.51
C SER B 137 -17.84 17.93 -16.79
N SER B 138 -18.60 18.73 -17.56
CA SER B 138 -19.53 19.69 -16.95
C SER B 138 -20.42 19.02 -15.91
N LYS B 139 -21.04 17.89 -16.28
CA LYS B 139 -21.97 17.22 -15.38
C LYS B 139 -21.26 16.57 -14.20
N SER B 140 -19.94 16.42 -14.28
CA SER B 140 -19.14 15.96 -13.16
C SER B 140 -18.86 17.08 -12.16
N THR B 141 -19.49 18.24 -12.36
CA THR B 141 -19.46 19.32 -11.38
C THR B 141 -20.84 19.63 -10.83
N SER B 142 -21.87 18.85 -11.19
N SER B 142 -21.84 18.82 -11.15
CA SER B 142 -23.22 19.19 -10.76
CA SER B 142 -23.22 19.11 -10.75
C SER B 142 -23.38 19.11 -9.25
C SER B 142 -23.38 19.08 -9.23
N GLY B 143 -24.32 19.89 -8.74
CA GLY B 143 -24.71 19.82 -7.36
C GLY B 143 -23.79 20.46 -6.36
N GLY B 144 -22.76 21.18 -6.81
CA GLY B 144 -21.88 21.86 -5.88
C GLY B 144 -20.57 21.14 -5.60
N THR B 145 -20.42 19.87 -5.96
CA THR B 145 -19.16 19.16 -5.74
C THR B 145 -18.62 18.69 -7.08
N ALA B 146 -17.30 18.80 -7.23
CA ALA B 146 -16.60 18.41 -8.44
C ALA B 146 -15.42 17.54 -8.04
N ALA B 147 -14.81 16.92 -9.03
CA ALA B 147 -13.55 16.22 -8.83
C ALA B 147 -12.59 16.67 -9.92
N LEU B 148 -11.30 16.63 -9.60
CA LEU B 148 -10.26 16.88 -10.58
C LEU B 148 -9.07 16.04 -10.19
N GLY B 149 -8.09 15.91 -11.08
CA GLY B 149 -6.96 15.08 -10.73
C GLY B 149 -5.84 15.11 -11.74
N CYS B 150 -4.92 14.16 -11.62
N CYS B 150 -4.97 14.10 -11.64
CA CYS B 150 -3.91 14.05 -12.68
CA CYS B 150 -3.82 13.96 -12.50
C CYS B 150 -3.53 12.59 -12.89
C CYS B 150 -3.66 12.50 -12.89
N LEU B 151 -3.34 12.26 -14.16
CA LEU B 151 -3.02 10.93 -14.66
C LEU B 151 -1.50 10.83 -14.83
N VAL B 152 -0.89 9.93 -14.08
CA VAL B 152 0.56 9.75 -14.07
C VAL B 152 0.85 8.48 -14.85
N LYS B 153 1.30 8.62 -16.09
CA LYS B 153 1.23 7.55 -17.07
C LYS B 153 2.59 7.18 -17.63
N ASP B 154 2.75 5.88 -17.93
CA ASP B 154 3.85 5.33 -18.72
C ASP B 154 5.21 5.41 -17.99
N TYR B 155 5.25 4.94 -16.75
CA TYR B 155 6.50 4.95 -15.99
C TYR B 155 6.90 3.54 -15.55
N PHE B 156 8.16 3.39 -15.11
CA PHE B 156 8.69 2.11 -14.66
C PHE B 156 9.95 2.37 -13.87
N PRO B 157 10.16 1.70 -12.73
CA PRO B 157 9.25 0.79 -12.02
C PRO B 157 8.37 1.56 -11.05
N GLU B 158 7.58 0.86 -10.23
CA GLU B 158 6.92 1.49 -9.11
C GLU B 158 7.95 1.89 -8.06
N PRO B 159 7.63 2.82 -7.16
CA PRO B 159 6.40 3.60 -7.03
C PRO B 159 6.57 5.05 -7.45
N VAL B 160 5.45 5.78 -7.56
N VAL B 160 5.45 5.78 -7.47
CA VAL B 160 5.49 7.24 -7.63
CA VAL B 160 5.45 7.22 -7.66
C VAL B 160 4.82 7.75 -6.35
C VAL B 160 4.66 7.84 -6.51
N THR B 161 5.08 9.01 -6.03
CA THR B 161 4.36 9.71 -4.96
C THR B 161 3.65 10.92 -5.55
N VAL B 162 2.45 11.21 -5.06
CA VAL B 162 1.67 12.35 -5.53
C VAL B 162 1.15 13.12 -4.33
N SER B 163 1.37 14.44 -4.34
CA SER B 163 0.77 15.36 -3.39
C SER B 163 0.03 16.44 -4.16
N TRP B 164 -0.73 17.25 -3.43
CA TRP B 164 -1.52 18.32 -4.02
C TRP B 164 -1.21 19.63 -3.31
N ASN B 165 -0.93 20.67 -4.09
CA ASN B 165 -0.60 21.99 -3.57
C ASN B 165 0.51 21.92 -2.53
N SER B 166 1.55 21.15 -2.88
CA SER B 166 2.74 20.94 -2.06
C SER B 166 2.41 20.41 -0.67
N GLY B 167 1.31 19.69 -0.53
CA GLY B 167 0.95 19.08 0.73
C GLY B 167 -0.10 19.83 1.51
N ALA B 168 -0.47 21.04 1.08
CA ALA B 168 -1.47 21.79 1.80
C ALA B 168 -2.88 21.22 1.60
N LEU B 169 -3.11 20.45 0.54
CA LEU B 169 -4.43 19.93 0.20
C LEU B 169 -4.41 18.42 0.42
N THR B 170 -5.11 17.96 1.45
CA THR B 170 -5.12 16.54 1.76
C THR B 170 -6.53 16.00 1.85
N SER B 171 -7.46 16.84 2.28
CA SER B 171 -8.84 16.42 2.44
C SER B 171 -9.42 16.03 1.09
N GLY B 172 -10.08 14.87 1.06
CA GLY B 172 -10.74 14.41 -0.13
C GLY B 172 -9.84 13.86 -1.21
N VAL B 173 -8.53 13.72 -0.94
CA VAL B 173 -7.59 13.19 -1.94
C VAL B 173 -7.69 11.67 -1.98
N HIS B 174 -7.68 11.11 -3.19
CA HIS B 174 -7.55 9.67 -3.37
C HIS B 174 -6.47 9.41 -4.41
N THR B 175 -5.38 8.79 -3.99
CA THR B 175 -4.33 8.35 -4.91
C THR B 175 -4.39 6.82 -5.03
N PHE B 176 -4.66 6.32 -6.26
CA PHE B 176 -5.01 4.93 -6.54
C PHE B 176 -3.76 4.06 -6.73
N PRO B 177 -3.88 2.77 -6.45
CA PRO B 177 -2.82 1.82 -6.86
C PRO B 177 -2.62 1.89 -8.35
N ALA B 178 -1.36 1.90 -8.76
CA ALA B 178 -1.04 1.86 -10.18
C ALA B 178 -1.51 0.54 -10.77
N VAL B 179 -1.79 0.56 -12.07
CA VAL B 179 -2.01 -0.68 -12.80
C VAL B 179 -0.88 -0.80 -13.83
N LEU B 180 -0.51 -2.03 -14.14
CA LEU B 180 0.50 -2.27 -15.18
C LEU B 180 -0.20 -2.37 -16.53
N GLN B 181 0.11 -1.45 -17.44
CA GLN B 181 -0.53 -1.44 -18.74
C GLN B 181 0.06 -2.54 -19.63
N SER B 182 -0.57 -2.76 -20.77
CA SER B 182 -0.12 -3.85 -21.64
C SER B 182 1.21 -3.52 -22.31
N SER B 183 1.61 -2.24 -22.32
CA SER B 183 2.96 -1.86 -22.72
C SER B 183 4.03 -2.31 -21.73
N GLY B 184 3.66 -2.82 -20.57
CA GLY B 184 4.61 -3.08 -19.49
C GLY B 184 5.00 -1.85 -18.68
N LEU B 185 4.29 -0.74 -18.84
CA LEU B 185 4.52 0.48 -18.07
C LEU B 185 3.34 0.76 -17.16
N TYR B 186 3.60 1.40 -16.02
CA TYR B 186 2.56 1.66 -15.03
C TYR B 186 1.79 2.94 -15.37
N SER B 187 0.56 2.99 -14.88
CA SER B 187 -0.28 4.18 -14.98
C SER B 187 -1.08 4.31 -13.69
N LEU B 188 -1.14 5.53 -13.15
CA LEU B 188 -1.77 5.81 -11.88
C LEU B 188 -2.56 7.11 -11.97
N SER B 189 -3.71 7.18 -11.29
CA SER B 189 -4.44 8.42 -11.14
C SER B 189 -4.45 8.87 -9.69
N SER B 190 -4.43 10.20 -9.49
CA SER B 190 -4.70 10.82 -8.21
C SER B 190 -5.81 11.84 -8.40
N VAL B 191 -6.80 11.85 -7.50
CA VAL B 191 -7.95 12.73 -7.65
C VAL B 191 -8.22 13.42 -6.32
N VAL B 192 -9.01 14.50 -6.39
CA VAL B 192 -9.46 15.19 -5.19
C VAL B 192 -10.83 15.79 -5.47
N THR B 193 -11.74 15.69 -4.51
CA THR B 193 -13.04 16.34 -4.63
C THR B 193 -12.98 17.71 -3.99
N VAL B 194 -13.60 18.69 -4.65
CA VAL B 194 -13.52 20.10 -4.28
C VAL B 194 -14.86 20.78 -4.55
N PRO B 195 -15.15 21.89 -3.88
CA PRO B 195 -16.37 22.65 -4.21
C PRO B 195 -16.37 23.09 -5.67
N SER B 196 -17.51 22.94 -6.33
CA SER B 196 -17.57 23.27 -7.75
C SER B 196 -17.29 24.76 -7.99
N SER B 197 -17.69 25.64 -7.07
CA SER B 197 -17.43 27.06 -7.22
C SER B 197 -15.95 27.41 -7.20
N SER B 198 -15.09 26.50 -6.79
CA SER B 198 -13.68 26.84 -6.65
C SER B 198 -12.89 26.60 -7.94
N LEU B 199 -13.48 25.89 -8.91
CA LEU B 199 -12.77 25.56 -10.14
C LEU B 199 -12.30 26.80 -10.89
N GLY B 200 -13.05 27.89 -10.83
CA GLY B 200 -12.55 29.12 -11.43
C GLY B 200 -11.43 29.80 -10.66
N THR B 201 -11.39 29.62 -9.33
CA THR B 201 -10.67 30.55 -8.48
C THR B 201 -9.41 29.94 -7.88
N GLN B 202 -9.52 28.81 -7.19
CA GLN B 202 -8.36 28.19 -6.55
C GLN B 202 -7.46 27.51 -7.57
N THR B 203 -6.16 27.56 -7.30
N THR B 203 -6.16 27.58 -7.31
CA THR B 203 -5.18 26.88 -8.13
CA THR B 203 -5.17 26.88 -8.11
C THR B 203 -4.91 25.50 -7.55
C THR B 203 -4.98 25.48 -7.53
N TYR B 204 -4.99 24.48 -8.39
CA TYR B 204 -4.79 23.09 -7.98
C TYR B 204 -3.61 22.55 -8.78
N ILE B 205 -2.55 22.12 -8.07
CA ILE B 205 -1.34 21.60 -8.67
C ILE B 205 -1.05 20.22 -8.06
N CYS B 206 -0.86 19.21 -8.90
CA CYS B 206 -0.40 17.93 -8.38
C CYS B 206 1.12 17.83 -8.51
N ASN B 207 1.76 17.38 -7.44
CA ASN B 207 3.21 17.31 -7.30
C ASN B 207 3.58 15.84 -7.43
N VAL B 208 4.24 15.48 -8.52
CA VAL B 208 4.54 14.07 -8.83
C VAL B 208 6.03 13.84 -8.64
N ASN B 209 6.39 12.74 -7.96
CA ASN B 209 7.79 12.36 -7.77
C ASN B 209 7.96 10.88 -8.10
N HIS B 210 8.79 10.61 -9.09
CA HIS B 210 9.21 9.25 -9.46
C HIS B 210 10.70 9.16 -9.17
N LYS B 211 11.04 8.70 -7.96
CA LYS B 211 12.44 8.69 -7.56
C LYS B 211 13.34 7.80 -8.42
N PRO B 212 12.90 6.63 -8.94
CA PRO B 212 13.81 5.84 -9.79
C PRO B 212 14.31 6.57 -11.02
N SER B 213 13.56 7.52 -11.58
CA SER B 213 14.01 8.25 -12.77
C SER B 213 14.44 9.67 -12.45
N ASN B 214 14.50 10.04 -11.16
CA ASN B 214 14.77 11.42 -10.76
C ASN B 214 13.88 12.41 -11.50
N THR B 215 12.60 12.07 -11.61
CA THR B 215 11.60 12.89 -12.27
C THR B 215 10.69 13.55 -11.23
N LYS B 216 10.65 14.88 -11.24
CA LYS B 216 9.71 15.65 -10.44
C LYS B 216 8.94 16.59 -11.36
N VAL B 217 7.62 16.59 -11.23
CA VAL B 217 6.72 17.32 -12.11
C VAL B 217 5.62 17.93 -11.27
N ASP B 218 5.39 19.24 -11.42
CA ASP B 218 4.21 19.87 -10.87
C ASP B 218 3.30 20.26 -12.03
N LYS B 219 2.05 19.80 -12.00
CA LYS B 219 1.10 20.03 -13.08
C LYS B 219 -0.10 20.78 -12.51
N LYS B 220 -0.35 21.99 -13.03
CA LYS B 220 -1.54 22.73 -12.68
C LYS B 220 -2.74 22.17 -13.45
N VAL B 221 -3.82 21.87 -12.75
CA VAL B 221 -5.03 21.32 -13.34
C VAL B 221 -6.05 22.44 -13.47
N GLU B 222 -6.47 22.75 -14.70
CA GLU B 222 -7.51 23.75 -14.86
C GLU B 222 -8.79 23.14 -15.42
N PRO B 223 -9.96 23.72 -15.13
CA PRO B 223 -11.18 23.27 -15.79
C PRO B 223 -11.15 23.56 -17.28
N LYS B 224 -11.89 22.74 -18.03
CA LYS B 224 -12.02 22.87 -19.47
C LYS B 224 -13.50 23.09 -19.76
N SER B 225 -13.83 24.16 -20.47
CA SER B 225 -15.25 24.39 -20.73
C SER B 225 -15.77 23.48 -21.83
N CYS B 226 -14.96 23.21 -22.85
CA CYS B 226 -15.26 22.28 -23.95
C CYS B 226 -16.39 22.76 -24.83
CL CL C . -6.94 5.35 20.57
C1 PEG D . 14.72 -20.59 23.88
O1 PEG D . 14.40 -21.97 23.78
C2 PEG D . 13.71 -19.88 24.72
O2 PEG D . 14.21 -18.60 25.10
C3 PEG D . 15.52 -18.65 25.64
C4 PEG D . 15.72 -17.52 26.60
O4 PEG D . 16.92 -17.69 27.32
C1 PEG E . 5.61 -29.43 22.93
O1 PEG E . 6.83 -28.73 22.79
C2 PEG E . 4.49 -28.59 22.42
O2 PEG E . 3.63 -29.37 21.62
C3 PEG E . 2.29 -28.91 21.60
C4 PEG E . 1.52 -29.49 22.76
O4 PEG E . 1.81 -28.81 23.97
C1 GOL F . -2.47 1.86 17.12
O1 GOL F . -2.19 0.71 17.84
C2 GOL F . -3.91 2.27 17.48
O2 GOL F . -4.19 3.58 17.11
C3 GOL F . -4.79 1.22 16.76
O3 GOL F . -5.30 1.73 15.57
S SO4 G . -0.68 4.34 13.87
O1 SO4 G . 0.07 4.05 12.65
O2 SO4 G . -0.81 3.10 14.63
O3 SO4 G . -2.04 4.78 13.55
O4 SO4 G . 0.02 5.34 14.65
S SO4 H . -5.33 -5.71 30.91
O1 SO4 H . -4.22 -6.56 30.46
O2 SO4 H . -6.04 -6.34 32.02
O3 SO4 H . -6.26 -5.53 29.80
O4 SO4 H . -4.80 -4.41 31.33
S SO4 I . -21.49 9.23 5.62
O1 SO4 I . -22.42 8.23 5.10
O2 SO4 I . -20.12 8.73 5.56
O3 SO4 I . -21.86 9.53 6.99
O4 SO4 I . -21.58 10.45 4.79
S SO4 J . -13.14 -7.04 -19.98
O1 SO4 J . -14.27 -7.70 -20.64
O2 SO4 J . -11.88 -7.61 -20.46
O3 SO4 J . -13.13 -5.59 -20.24
O4 SO4 J . -13.30 -7.27 -18.53
S SO4 K . -17.42 15.96 -34.74
O1 SO4 K . -16.21 15.20 -35.06
O2 SO4 K . -18.56 15.05 -34.56
O3 SO4 K . -17.69 16.89 -35.84
O4 SO4 K . -17.24 16.74 -33.51
CL CL L . 12.77 5.66 -3.24
CL CL L . 10.79 5.35 -4.26
CL CL M . 12.82 8.72 -19.29
CL CL N . -11.16 25.88 -22.44
C1 PEG O . 24.26 -14.10 22.44
O1 PEG O . 22.88 -13.77 22.43
C2 PEG O . 25.05 -13.13 21.62
O2 PEG O . 24.39 -12.96 20.38
C3 PEG O . 25.09 -12.12 19.46
C4 PEG O . 26.14 -12.90 18.72
O4 PEG O . 27.25 -12.07 18.36
C1 PEG P . 10.93 5.85 21.26
C2 PEG P . 10.69 4.38 21.06
O2 PEG P . 11.47 3.63 21.99
C3 PEG P . 11.53 2.25 21.67
C4 PEG P . 10.99 1.43 22.80
O4 PEG P . 10.07 0.45 22.32
C1 EDO Q . 33.07 -1.95 11.23
O1 EDO Q . 31.71 -1.91 11.71
C2 EDO Q . 33.41 -0.63 10.56
O2 EDO Q . 33.19 0.45 11.48
C1 EDO R . 27.01 3.53 18.08
O1 EDO R . 25.67 4.04 18.24
C2 EDO R . 27.49 2.62 19.22
O2 EDO R . 26.42 1.77 19.65
C1 EDO S . 7.70 15.77 -4.77
O1 EDO S . 6.42 15.21 -4.38
C2 EDO S . 7.50 17.11 -5.47
O2 EDO S . 7.48 16.96 -6.90
C ACT T . 25.92 -6.13 -8.89
O ACT T . 25.70 -7.36 -9.27
OXT ACT T . 25.40 -5.07 -9.34
CH3 ACT T . 26.99 -5.93 -7.73
C ACT U . 23.26 -3.54 -15.22
O ACT U . 22.50 -4.18 -14.43
OXT ACT U . 24.44 -3.85 -15.61
CH3 ACT U . 22.68 -2.19 -15.75
C1 GOL V . -7.05 2.88 -13.16
O1 GOL V . -7.63 4.11 -13.59
C2 GOL V . -5.61 3.15 -12.54
O2 GOL V . -4.69 3.70 -13.44
C3 GOL V . -5.81 4.07 -11.31
O3 GOL V . -4.46 4.28 -10.79
C1 GOL W . 22.97 -12.88 16.26
O1 GOL W . 24.34 -12.58 16.15
C2 GOL W . 22.93 -14.25 16.97
O2 GOL W . 23.10 -14.15 18.35
C3 GOL W . 21.59 -14.84 16.66
O3 GOL W . 21.64 -16.14 17.23
S SO4 X . 16.25 2.75 23.72
O1 SO4 X . 14.94 2.17 23.40
O2 SO4 X . 17.10 1.88 24.57
O3 SO4 X . 16.87 3.06 22.46
O4 SO4 X . 16.04 4.00 24.46
S SO4 Y . 22.09 9.66 17.12
O1 SO4 Y . 21.08 10.12 18.08
O2 SO4 Y . 21.93 8.23 16.88
O3 SO4 Y . 21.94 10.38 15.85
O4 SO4 Y . 23.42 9.91 17.65
S SO4 Z . 17.97 1.61 -16.53
O1 SO4 Z . 17.12 0.94 -15.56
O2 SO4 Z . 18.69 0.64 -17.36
O3 SO4 Z . 17.16 2.46 -17.39
O4 SO4 Z . 18.94 2.44 -15.80
S SO4 AA . 14.35 -13.39 29.14
O1 SO4 AA . 13.46 -14.33 28.44
O2 SO4 AA . 15.57 -14.10 29.55
O3 SO4 AA . 14.68 -12.29 28.22
O4 SO4 AA . 13.66 -12.85 30.31
S SO4 BA . 18.83 5.77 -2.22
O1 SO4 BA . 17.83 5.59 -3.28
O2 SO4 BA . 19.74 4.63 -2.23
O3 SO4 BA . 19.57 7.00 -2.50
O4 SO4 BA . 18.20 5.87 -0.91
#